data_5YA6
#
_entry.id   5YA6
#
_cell.length_a   37.090
_cell.length_b   73.660
_cell.length_c   107.290
_cell.angle_alpha   90.00
_cell.angle_beta   90.00
_cell.angle_gamma   90.00
#
_symmetry.space_group_name_H-M   'P 21 21 21'
#
loop_
_entity.id
_entity.type
_entity.pdbx_description
1 polymer 'Flagellin B1'
2 non-polymer 'CALCIUM ION'
3 water water
#
_entity_poly.entity_id   1
_entity_poly.type   'polypeptide(L)'
_entity_poly.pdbx_seq_one_letter_code
;MGKESTEQVASGLMCIGVTGHYDKTLGGIDKLAIYITPNAGSAPIDLKNAKLFLIYDGESHVLNYSTVTTATLGADDIFN
SSAITDWSLADSSSYVVGVIQDADGSLSNGVINKGDIAVLLVNANAVFNKAIPTRSEVSGQFQPEFGAPAVIQFTTPAAY
TQTVIELQHHHHHH
;
_entity_poly.pdbx_strand_id   A,B
#
# COMPACT_ATOMS: atom_id res chain seq x y z
N ALA A 10 23.85 2.13 -0.86
CA ALA A 10 22.83 1.67 0.16
C ALA A 10 21.84 2.79 0.56
N SER A 11 20.78 2.90 -0.23
CA SER A 11 20.09 4.19 -0.39
C SER A 11 18.59 4.00 -0.41
N GLY A 12 17.85 5.05 -0.06
CA GLY A 12 16.39 5.01 -0.22
C GLY A 12 15.74 6.32 0.14
N LEU A 13 14.42 6.35 -0.03
CA LEU A 13 13.61 7.52 0.31
C LEU A 13 12.66 7.22 1.44
N MET A 14 12.35 8.23 2.22
CA MET A 14 11.38 8.19 3.28
C MET A 14 10.29 9.20 3.03
N CYS A 15 9.02 8.82 3.14
CA CYS A 15 7.93 9.76 3.25
C CYS A 15 7.83 10.36 4.61
N ILE A 16 8.00 11.66 4.70
CA ILE A 16 7.93 12.36 5.99
C ILE A 16 6.61 13.04 6.22
N GLY A 17 5.65 12.83 5.32
CA GLY A 17 4.31 13.28 5.53
C GLY A 17 3.55 13.45 4.24
N VAL A 18 2.26 13.56 4.40
CA VAL A 18 1.34 13.83 3.24
C VAL A 18 0.25 14.78 3.68
N THR A 19 0.10 15.89 2.96
CA THR A 19 -1.04 16.74 3.20
C THR A 19 -2.00 16.69 2.01
N GLY A 20 -3.23 17.09 2.27
CA GLY A 20 -4.23 17.16 1.24
C GLY A 20 -5.10 18.40 1.23
N HIS A 21 -5.64 18.73 0.07
CA HIS A 21 -6.48 19.92 -0.12
C HIS A 21 -7.87 19.46 -0.23
N TYR A 22 -8.77 20.02 0.57
CA TYR A 22 -10.17 19.71 0.54
C TYR A 22 -10.92 20.74 -0.30
N ASP A 23 -11.68 20.25 -1.30
CA ASP A 23 -12.42 21.11 -2.22
C ASP A 23 -13.91 20.83 -1.99
N LYS A 24 -14.65 21.80 -1.44
CA LYS A 24 -16.05 21.57 -1.10
C LYS A 24 -16.88 21.24 -2.35
N THR A 25 -16.61 21.92 -3.46
CA THR A 25 -17.39 21.70 -4.73
C THR A 25 -17.26 20.30 -5.27
N LEU A 26 -16.04 19.74 -5.19
CA LEU A 26 -15.79 18.36 -5.56
C LEU A 26 -16.12 17.34 -4.47
N GLY A 27 -16.39 17.77 -3.24
CA GLY A 27 -16.76 16.84 -2.16
C GLY A 27 -15.69 15.99 -1.53
N GLY A 28 -14.44 16.49 -1.57
CA GLY A 28 -13.37 15.75 -0.95
C GLY A 28 -12.01 16.30 -1.25
N ILE A 29 -11.00 15.48 -1.03
CA ILE A 29 -9.63 15.85 -1.31
C ILE A 29 -9.32 15.71 -2.80
N ASP A 30 -8.95 16.82 -3.42
CA ASP A 30 -8.64 16.86 -4.85
C ASP A 30 -7.18 16.93 -5.19
N LYS A 31 -6.33 17.26 -4.22
CA LYS A 31 -4.87 17.33 -4.36
C LYS A 31 -4.17 16.80 -3.16
N LEU A 32 -3.00 16.16 -3.42
CA LEU A 32 -2.08 15.67 -2.38
C LEU A 32 -0.71 16.27 -2.56
N ALA A 33 -0.02 16.50 -1.44
CA ALA A 33 1.38 16.90 -1.40
C ALA A 33 2.14 15.89 -0.54
N ILE A 34 2.96 15.12 -1.21
CA ILE A 34 3.69 14.00 -0.56
C ILE A 34 5.15 14.39 -0.34
N TYR A 35 5.57 14.50 0.91
CA TYR A 35 6.89 15.05 1.21
C TYR A 35 7.90 13.97 1.39
N ILE A 36 9.07 14.08 0.75
CA ILE A 36 10.08 13.05 0.69
C ILE A 36 11.46 13.58 1.05
N THR A 37 12.32 12.73 1.64
CA THR A 37 13.70 13.07 1.98
C THR A 37 14.49 11.75 1.91
N PRO A 38 15.77 11.80 1.58
CA PRO A 38 16.52 10.54 1.61
C PRO A 38 16.72 9.96 2.99
N ASN A 39 16.81 8.62 3.05
CA ASN A 39 17.30 7.96 4.27
C ASN A 39 18.70 8.39 4.63
N ALA A 40 19.00 8.50 5.93
CA ALA A 40 20.34 8.85 6.38
C ALA A 40 21.38 7.88 5.79
N GLY A 41 22.45 8.42 5.28
CA GLY A 41 23.51 7.62 4.66
C GLY A 41 23.33 7.31 3.21
N SER A 42 22.20 7.73 2.61
CA SER A 42 21.89 7.41 1.25
C SER A 42 22.84 8.13 0.30
N ALA A 43 23.13 7.52 -0.80
CA ALA A 43 23.78 8.15 -1.95
C ALA A 43 22.75 8.95 -2.66
N PRO A 44 23.18 9.87 -3.55
CA PRO A 44 22.20 10.60 -4.35
C PRO A 44 21.27 9.69 -5.14
N ILE A 45 20.01 10.11 -5.29
CA ILE A 45 19.00 9.31 -6.03
C ILE A 45 18.37 10.13 -7.15
N ASP A 46 18.36 9.61 -8.37
CA ASP A 46 17.74 10.21 -9.51
C ASP A 46 16.28 9.95 -9.53
N LEU A 47 15.46 10.99 -9.62
CA LEU A 47 14.00 10.89 -9.57
C LEU A 47 13.37 10.83 -10.94
N LYS A 48 14.16 11.04 -12.00
CA LYS A 48 13.56 11.24 -13.33
C LYS A 48 12.84 9.97 -13.81
N ASN A 49 13.27 8.79 -13.40
CA ASN A 49 12.48 7.62 -13.84
C ASN A 49 11.61 7.04 -12.73
N ALA A 50 11.34 7.82 -11.67
CA ALA A 50 10.67 7.30 -10.46
C ALA A 50 9.21 7.20 -10.70
N LYS A 51 8.62 6.14 -10.18
CA LYS A 51 7.19 5.90 -10.34
C LYS A 51 6.49 5.96 -9.00
N LEU A 52 5.32 6.61 -9.01
CA LEU A 52 4.44 6.68 -7.87
C LEU A 52 3.24 5.74 -8.11
N PHE A 53 3.09 4.73 -7.24
CA PHE A 53 2.03 3.74 -7.26
C PHE A 53 1.03 4.07 -6.17
N LEU A 54 -0.26 4.17 -6.52
CA LEU A 54 -1.32 4.51 -5.61
C LEU A 54 -2.50 3.56 -5.81
N ILE A 55 -2.97 3.01 -4.70
CA ILE A 55 -4.16 2.18 -4.68
C ILE A 55 -5.27 2.88 -3.90
N TYR A 56 -6.45 2.97 -4.52
CA TYR A 56 -7.62 3.56 -3.89
C TYR A 56 -8.89 2.91 -4.57
N ASP A 57 -9.82 2.45 -3.77
CA ASP A 57 -11.18 2.05 -4.25
C ASP A 57 -11.10 1.02 -5.39
N GLY A 58 -10.23 0.04 -5.23
CA GLY A 58 -10.29 -1.10 -6.17
C GLY A 58 -9.55 -0.87 -7.48
N GLU A 59 -8.70 0.18 -7.51
CA GLU A 59 -7.86 0.44 -8.65
C GLU A 59 -6.44 0.81 -8.23
N SER A 60 -5.48 0.34 -9.01
CA SER A 60 -4.06 0.67 -8.81
C SER A 60 -3.66 1.61 -9.93
N HIS A 61 -3.00 2.70 -9.59
CA HIS A 61 -2.62 3.72 -10.56
C HIS A 61 -1.14 3.92 -10.51
N VAL A 62 -0.53 4.17 -11.67
CA VAL A 62 0.88 4.53 -11.71
C VAL A 62 1.02 5.94 -12.32
N LEU A 63 1.85 6.75 -11.67
CA LEU A 63 2.14 8.10 -12.12
C LEU A 63 3.65 8.25 -12.40
N ASN A 64 3.94 8.96 -13.49
CA ASN A 64 5.29 9.20 -13.95
C ASN A 64 5.73 10.65 -13.64
N TYR A 65 7.05 10.77 -13.60
CA TYR A 65 7.70 12.06 -13.49
C TYR A 65 7.30 12.98 -14.62
N SER A 66 7.02 14.24 -14.31
CA SER A 66 6.74 15.24 -15.39
C SER A 66 7.89 16.26 -15.39
N THR A 67 7.88 17.18 -14.46
CA THR A 67 8.89 18.19 -14.34
C THR A 67 9.17 18.47 -12.84
N VAL A 68 10.10 19.34 -12.63
CA VAL A 68 10.47 19.85 -11.32
C VAL A 68 10.32 21.36 -11.33
N THR A 69 9.72 21.88 -10.29
CA THR A 69 9.56 23.31 -10.09
C THR A 69 10.18 23.83 -8.82
N THR A 70 10.81 24.99 -8.88
CA THR A 70 11.19 25.73 -7.69
C THR A 70 10.17 26.71 -7.18
N ALA A 71 8.98 26.75 -7.83
CA ALA A 71 7.93 27.66 -7.37
C ALA A 71 7.36 27.33 -6.01
N THR A 72 7.62 26.07 -5.55
CA THR A 72 7.23 25.60 -4.27
C THR A 72 8.15 26.07 -3.15
N LEU A 73 9.33 26.54 -3.52
CA LEU A 73 10.27 27.04 -2.49
C LEU A 73 9.71 28.22 -1.74
N GLY A 74 9.56 28.06 -0.44
CA GLY A 74 9.07 29.13 0.42
C GLY A 74 7.57 29.39 0.24
N ALA A 75 6.85 28.50 -0.45
CA ALA A 75 5.41 28.78 -0.74
C ALA A 75 4.62 28.33 0.50
N ASP A 76 3.93 29.26 1.15
CA ASP A 76 3.04 28.89 2.25
C ASP A 76 1.77 28.14 1.79
N ASP A 77 1.34 28.35 0.55
CA ASP A 77 0.23 27.53 0.01
C ASP A 77 0.67 26.62 -1.14
N ILE A 78 0.94 25.40 -0.77
CA ILE A 78 1.51 24.44 -1.68
C ILE A 78 0.49 24.02 -2.78
N PHE A 79 -0.80 24.27 -2.54
CA PHE A 79 -1.88 23.83 -3.42
C PHE A 79 -2.31 24.89 -4.39
N ASN A 80 -1.76 26.10 -4.29
CA ASN A 80 -2.19 27.23 -5.13
C ASN A 80 -1.65 27.10 -6.57
N SER A 81 -2.54 26.70 -7.50
CA SER A 81 -2.11 26.50 -8.86
C SER A 81 -1.91 27.78 -9.62
N SER A 82 -2.43 28.89 -9.11
CA SER A 82 -2.11 30.19 -9.72
C SER A 82 -0.61 30.54 -9.50
N ALA A 83 -0.10 30.36 -8.29
CA ALA A 83 1.28 30.58 -7.94
C ALA A 83 2.24 29.52 -8.44
N ILE A 84 1.79 28.26 -8.35
CA ILE A 84 2.63 27.14 -8.73
C ILE A 84 1.97 26.58 -9.96
N THR A 85 2.35 27.14 -11.10
CA THR A 85 1.62 26.88 -12.30
C THR A 85 1.79 25.44 -12.83
N ASP A 86 2.89 24.76 -12.46
CA ASP A 86 3.09 23.40 -12.83
C ASP A 86 2.14 22.41 -12.21
N TRP A 87 1.26 22.85 -11.31
CA TRP A 87 0.11 22.02 -10.89
C TRP A 87 -0.66 21.58 -12.14
N SER A 88 -0.66 22.35 -13.20
CA SER A 88 -1.34 21.93 -14.46
C SER A 88 -0.84 20.63 -15.09
N LEU A 89 0.38 20.25 -14.79
CA LEU A 89 0.99 19.05 -15.29
C LEU A 89 0.70 17.84 -14.39
N ALA A 90 0.10 18.06 -13.23
CA ALA A 90 -0.32 16.93 -12.36
C ALA A 90 -1.69 16.50 -12.90
N ASP A 91 -1.68 15.38 -13.59
CA ASP A 91 -2.84 14.89 -14.24
C ASP A 91 -3.10 13.47 -13.87
N SER A 92 -3.83 12.69 -14.69
CA SER A 92 -4.16 11.37 -14.26
C SER A 92 -3.00 10.39 -14.27
N SER A 93 -1.91 10.72 -14.95
CA SER A 93 -0.76 9.86 -15.11
C SER A 93 0.58 10.43 -14.69
N SER A 94 0.63 11.65 -14.15
CA SER A 94 1.92 12.30 -13.84
C SER A 94 1.82 13.07 -12.55
N TYR A 95 2.91 13.02 -11.76
CA TYR A 95 3.09 13.88 -10.62
C TYR A 95 4.10 14.99 -10.99
N VAL A 96 4.18 16.04 -10.20
CA VAL A 96 5.18 17.08 -10.36
C VAL A 96 6.07 17.10 -9.11
N VAL A 97 7.33 17.33 -9.27
CA VAL A 97 8.23 17.49 -8.12
C VAL A 97 8.42 18.97 -7.82
N GLY A 98 8.22 19.38 -6.57
CA GLY A 98 8.57 20.68 -6.11
C GLY A 98 9.78 20.66 -5.21
N VAL A 99 10.65 21.66 -5.29
CA VAL A 99 11.76 21.75 -4.38
C VAL A 99 11.26 22.44 -3.10
N ILE A 100 11.59 21.81 -1.96
CA ILE A 100 11.20 22.36 -0.64
C ILE A 100 12.47 22.77 0.09
N GLN A 101 13.51 21.92 0.10
CA GLN A 101 14.81 22.24 0.69
C GLN A 101 15.92 21.65 -0.20
N ASP A 102 16.90 22.51 -0.57
CA ASP A 102 17.97 22.05 -1.47
C ASP A 102 19.14 23.01 -1.13
N ALA A 103 20.37 22.52 -1.23
CA ALA A 103 21.57 23.37 -0.99
C ALA A 103 22.63 23.27 -2.09
N ASP A 104 22.40 22.46 -3.11
CA ASP A 104 23.34 22.29 -4.22
C ASP A 104 22.71 22.33 -5.60
N GLY A 105 21.44 22.64 -5.71
CA GLY A 105 20.73 22.70 -6.96
C GLY A 105 20.37 21.30 -7.57
N SER A 106 20.68 20.24 -6.82
CA SER A 106 20.46 18.91 -7.38
C SER A 106 19.04 18.61 -7.76
N LEU A 107 18.08 19.07 -6.96
CA LEU A 107 16.71 18.81 -7.29
C LEU A 107 16.25 19.54 -8.53
N SER A 108 16.94 20.62 -8.89
CA SER A 108 16.58 21.33 -10.14
C SER A 108 16.81 20.47 -11.36
N ASN A 109 17.67 19.46 -11.26
CA ASN A 109 17.76 18.47 -12.32
C ASN A 109 17.35 17.04 -11.87
N GLY A 110 16.38 17.02 -10.98
CA GLY A 110 15.78 15.75 -10.56
C GLY A 110 16.61 14.77 -9.76
N VAL A 111 17.60 15.24 -9.01
CA VAL A 111 18.42 14.41 -8.16
C VAL A 111 18.22 14.87 -6.72
N ILE A 112 17.88 13.94 -5.83
CA ILE A 112 17.67 14.23 -4.40
C ILE A 112 18.85 13.69 -3.64
N ASN A 113 19.46 14.52 -2.77
CA ASN A 113 20.62 14.06 -2.00
C ASN A 113 20.52 14.55 -0.61
N LYS A 114 21.59 14.39 0.17
CA LYS A 114 21.53 14.50 1.63
C LYS A 114 21.02 15.87 2.06
N GLY A 115 19.99 15.82 2.88
CA GLY A 115 19.39 16.99 3.49
C GLY A 115 18.21 17.59 2.69
N ASP A 116 18.03 17.15 1.46
CA ASP A 116 17.00 17.69 0.57
C ASP A 116 15.60 17.27 1.02
N ILE A 117 14.63 18.13 0.82
CA ILE A 117 13.23 17.72 0.87
C ILE A 117 12.56 18.13 -0.41
N ALA A 118 11.83 17.18 -1.00
CA ALA A 118 11.05 17.37 -2.22
C ALA A 118 9.59 17.11 -1.89
N VAL A 119 8.69 17.66 -2.66
CA VAL A 119 7.27 17.38 -2.58
C VAL A 119 6.82 16.81 -3.89
N LEU A 120 5.95 15.82 -3.84
CA LEU A 120 5.25 15.32 -5.03
C LEU A 120 3.88 15.90 -5.03
N LEU A 121 3.58 16.60 -6.13
CA LEU A 121 2.23 17.24 -6.32
C LEU A 121 1.39 16.29 -7.13
N VAL A 122 0.25 15.87 -6.56
CA VAL A 122 -0.65 14.88 -7.17
C VAL A 122 -2.06 15.38 -7.23
N ASN A 123 -2.63 15.37 -8.42
CA ASN A 123 -4.03 15.76 -8.61
C ASN A 123 -4.88 14.51 -8.46
N ALA A 124 -5.32 14.28 -7.20
CA ALA A 124 -6.08 13.12 -6.84
C ALA A 124 -7.40 13.02 -7.65
N ASN A 125 -8.05 14.17 -7.88
CA ASN A 125 -9.26 14.18 -8.70
C ASN A 125 -9.00 13.61 -10.10
N ALA A 126 -7.90 14.01 -10.73
CA ALA A 126 -7.55 13.49 -12.04
C ALA A 126 -7.21 11.99 -12.02
N VAL A 127 -6.43 11.57 -11.02
CA VAL A 127 -6.03 10.20 -10.92
C VAL A 127 -7.18 9.23 -10.67
N PHE A 128 -8.02 9.59 -9.72
CA PHE A 128 -9.07 8.69 -9.23
C PHE A 128 -10.42 9.01 -9.90
N ASN A 129 -10.48 10.01 -10.78
CA ASN A 129 -11.73 10.45 -11.40
C ASN A 129 -12.83 10.90 -10.44
N LYS A 130 -12.41 11.35 -9.26
CA LYS A 130 -13.27 11.94 -8.27
C LYS A 130 -12.36 12.41 -7.14
N ALA A 131 -12.86 13.30 -6.32
CA ALA A 131 -12.13 13.70 -5.11
C ALA A 131 -12.20 12.55 -4.10
N ILE A 132 -11.21 12.47 -3.23
CA ILE A 132 -11.14 11.38 -2.25
C ILE A 132 -12.18 11.70 -1.13
N PRO A 133 -13.18 10.84 -0.94
CA PRO A 133 -14.17 11.14 0.10
C PRO A 133 -13.64 10.84 1.50
N THR A 134 -14.45 11.15 2.52
CA THR A 134 -14.08 10.79 3.89
C THR A 134 -13.97 9.26 4.09
N ARG A 135 -13.21 8.88 5.11
CA ARG A 135 -13.04 7.50 5.51
C ARG A 135 -12.43 6.62 4.45
N SER A 136 -11.57 7.20 3.61
CA SER A 136 -10.95 6.41 2.51
C SER A 136 -9.53 5.97 2.81
N GLU A 137 -9.18 4.76 2.38
CA GLU A 137 -7.82 4.21 2.52
C GLU A 137 -7.05 4.46 1.21
N VAL A 138 -5.86 5.04 1.35
CA VAL A 138 -4.95 5.23 0.21
C VAL A 138 -3.60 4.63 0.60
N SER A 139 -3.08 3.78 -0.26
CA SER A 139 -1.84 3.06 0.00
C SER A 139 -0.96 3.28 -1.24
N GLY A 140 0.34 3.38 -1.06
CA GLY A 140 1.20 3.55 -2.21
C GLY A 140 2.67 3.51 -1.90
N GLN A 141 3.49 3.55 -2.97
CA GLN A 141 4.92 3.60 -2.82
C GLN A 141 5.45 4.53 -3.90
N PHE A 142 6.47 5.29 -3.54
CA PHE A 142 7.24 6.07 -4.53
C PHE A 142 8.62 5.45 -4.72
N GLN A 143 8.81 4.87 -5.91
CA GLN A 143 9.94 3.99 -6.21
C GLN A 143 10.83 4.56 -7.34
N PRO A 144 11.96 5.13 -6.92
CA PRO A 144 12.96 5.50 -7.93
C PRO A 144 13.55 4.21 -8.51
N GLU A 145 14.30 4.35 -9.57
CA GLU A 145 14.92 3.18 -10.13
C GLU A 145 15.78 2.47 -9.17
N PHE A 146 16.64 3.24 -8.48
CA PHE A 146 17.49 2.71 -7.44
C PHE A 146 17.11 3.17 -6.05
N GLY A 147 17.31 2.29 -5.09
CA GLY A 147 17.16 2.60 -3.67
C GLY A 147 15.79 2.12 -3.22
N ALA A 148 15.58 2.12 -1.94
CA ALA A 148 14.34 1.70 -1.35
C ALA A 148 13.26 2.82 -1.50
N PRO A 149 11.99 2.42 -1.55
CA PRO A 149 10.91 3.38 -1.80
C PRO A 149 10.44 4.11 -0.56
N ALA A 150 9.82 5.27 -0.75
CA ALA A 150 9.01 5.93 0.24
C ALA A 150 7.60 5.29 0.25
N VAL A 151 6.97 5.17 1.42
CA VAL A 151 5.68 4.54 1.54
C VAL A 151 4.60 5.51 1.93
N ILE A 152 3.50 5.45 1.21
CA ILE A 152 2.32 6.25 1.45
C ILE A 152 1.28 5.36 2.09
N GLN A 153 0.71 5.83 3.19
CA GLN A 153 -0.42 5.13 3.79
C GLN A 153 -1.19 6.11 4.66
N PHE A 154 -2.43 6.37 4.26
CA PHE A 154 -3.30 7.19 5.09
C PHE A 154 -4.76 6.80 4.93
N THR A 155 -5.51 7.20 5.96
CA THR A 155 -6.96 7.05 5.97
C THR A 155 -7.51 8.44 6.05
N THR A 156 -8.31 8.89 5.06
CA THR A 156 -8.82 10.26 5.16
C THR A 156 -9.79 10.38 6.38
N PRO A 157 -9.84 11.55 7.01
CA PRO A 157 -10.70 11.67 8.20
C PRO A 157 -12.20 11.52 7.93
N ALA A 158 -12.95 11.35 9.02
CA ALA A 158 -14.40 11.16 8.93
C ALA A 158 -15.22 12.40 8.54
N ALA A 159 -14.59 13.58 8.66
CA ALA A 159 -15.11 14.85 8.18
C ALA A 159 -13.94 15.74 7.78
N TYR A 160 -14.24 16.61 6.84
CA TYR A 160 -13.28 17.55 6.28
C TYR A 160 -13.73 18.90 6.80
N THR A 161 -12.94 19.43 7.75
CA THR A 161 -13.32 20.62 8.55
C THR A 161 -12.51 21.84 8.22
N GLN A 162 -11.55 21.70 7.33
CA GLN A 162 -10.67 22.79 7.03
C GLN A 162 -10.08 22.52 5.67
N THR A 163 -9.46 23.51 5.06
CA THR A 163 -9.02 23.41 3.68
C THR A 163 -7.78 22.48 3.48
N VAL A 164 -6.83 22.51 4.41
CA VAL A 164 -5.64 21.72 4.30
C VAL A 164 -5.69 20.69 5.43
N ILE A 165 -5.49 19.43 5.08
CA ILE A 165 -5.63 18.33 6.02
C ILE A 165 -4.28 17.62 6.11
N GLU A 166 -3.79 17.36 7.30
CA GLU A 166 -2.52 16.58 7.46
C GLU A 166 -2.93 15.11 7.51
N LEU A 167 -2.53 14.35 6.50
CA LEU A 167 -3.05 12.99 6.31
C LEU A 167 -2.09 11.94 6.87
N GLN A 168 -0.82 12.14 6.64
CA GLN A 168 0.27 11.29 7.06
C GLN A 168 1.34 12.08 7.70
N HIS A 169 1.93 11.54 8.76
CA HIS A 169 2.96 12.23 9.52
C HIS A 169 4.28 11.48 9.50
N HIS A 170 5.36 12.17 9.87
CA HIS A 170 6.74 11.72 9.99
C HIS A 170 6.73 10.57 11.04
N HIS A 171 7.18 9.36 10.78
CA HIS A 171 7.31 8.32 11.86
C HIS A 171 8.73 7.86 11.90
N HIS A 172 9.20 7.45 13.08
CA HIS A 172 10.48 6.67 13.15
C HIS A 172 10.34 5.16 13.31
N ALA B 10 -22.02 0.72 6.75
CA ALA B 10 -20.58 0.78 6.39
C ALA B 10 -19.90 -0.59 6.73
N SER B 11 -19.96 -1.48 5.74
CA SER B 11 -19.34 -2.77 5.84
C SER B 11 -17.93 -2.70 5.30
N GLY B 12 -17.09 -3.60 5.77
CA GLY B 12 -15.74 -3.67 5.24
C GLY B 12 -14.88 -4.68 5.98
N LEU B 13 -13.64 -4.79 5.56
CA LEU B 13 -12.67 -5.78 6.06
C LEU B 13 -11.45 -5.15 6.67
N MET B 14 -10.93 -5.81 7.69
CA MET B 14 -9.76 -5.40 8.42
C MET B 14 -8.71 -6.48 8.32
N CYS B 15 -7.48 -6.08 8.05
CA CYS B 15 -6.38 -6.96 8.22
C CYS B 15 -5.96 -7.03 9.66
N ILE B 16 -5.94 -8.28 10.17
CA ILE B 16 -5.52 -8.52 11.55
C ILE B 16 -4.22 -9.26 11.67
N GLY B 17 -3.35 -9.13 10.67
CA GLY B 17 -2.05 -9.68 10.72
C GLY B 17 -1.57 -10.19 9.41
N VAL B 18 -0.25 -10.19 9.24
CA VAL B 18 0.41 -10.84 8.12
C VAL B 18 1.59 -11.64 8.63
N THR B 19 1.68 -12.90 8.21
CA THR B 19 2.87 -13.71 8.52
C THR B 19 3.51 -14.10 7.20
N GLY B 20 4.80 -14.33 7.25
CA GLY B 20 5.56 -14.79 6.08
C GLY B 20 6.31 -16.05 6.41
N HIS B 21 6.53 -16.84 5.37
CA HIS B 21 7.36 -18.01 5.45
C HIS B 21 8.72 -17.70 4.87
N TYR B 22 9.79 -17.92 5.64
CA TYR B 22 11.13 -17.76 5.16
C TYR B 22 11.71 -19.12 4.70
N ASP B 23 12.15 -19.18 3.44
CA ASP B 23 12.85 -20.33 2.90
C ASP B 23 14.28 -19.96 2.68
N LYS B 24 15.12 -20.47 3.57
CA LYS B 24 16.53 -20.14 3.54
C LYS B 24 17.23 -20.48 2.22
N THR B 25 16.75 -21.52 1.53
CA THR B 25 17.29 -21.88 0.22
C THR B 25 16.92 -20.94 -0.88
N LEU B 26 15.89 -20.10 -0.65
CA LEU B 26 15.49 -19.12 -1.63
C LEU B 26 15.89 -17.70 -1.25
N GLY B 27 16.42 -17.56 -0.03
CA GLY B 27 17.02 -16.31 0.46
C GLY B 27 16.04 -15.26 0.91
N GLY B 28 14.85 -15.69 1.29
CA GLY B 28 13.79 -14.74 1.58
C GLY B 28 12.44 -15.31 1.89
N ILE B 29 11.47 -14.41 1.99
CA ILE B 29 10.10 -14.81 2.22
C ILE B 29 9.42 -15.25 0.92
N ASP B 30 9.03 -16.52 0.85
CA ASP B 30 8.47 -17.03 -0.39
C ASP B 30 6.95 -17.07 -0.36
N LYS B 31 6.33 -17.01 0.82
CA LYS B 31 4.91 -17.12 0.97
C LYS B 31 4.40 -16.17 2.03
N LEU B 32 3.19 -15.65 1.82
CA LEU B 32 2.52 -14.69 2.75
C LEU B 32 1.20 -15.29 3.18
N ALA B 33 0.78 -14.99 4.39
CA ALA B 33 -0.53 -15.36 4.89
C ALA B 33 -1.13 -14.08 5.48
N ILE B 34 -2.20 -13.57 4.81
CA ILE B 34 -2.80 -12.29 5.22
C ILE B 34 -4.11 -12.56 5.90
N TYR B 35 -4.17 -12.25 7.18
CA TYR B 35 -5.36 -12.57 7.98
C TYR B 35 -6.34 -11.41 7.99
N ILE B 36 -7.59 -11.77 7.72
CA ILE B 36 -8.72 -10.87 7.43
CA ILE B 36 -8.69 -10.82 7.55
C ILE B 36 -9.94 -11.20 8.32
N THR B 37 -10.63 -10.19 8.83
CA THR B 37 -11.89 -10.35 9.54
C THR B 37 -12.77 -9.15 9.17
N PRO B 38 -14.09 -9.30 9.22
CA PRO B 38 -14.93 -8.11 8.95
C PRO B 38 -14.76 -7.01 10.00
N ASN B 39 -14.95 -5.77 9.58
CA ASN B 39 -15.11 -4.66 10.53
C ASN B 39 -16.28 -4.99 11.50
N ALA B 40 -16.13 -4.67 12.78
CA ALA B 40 -17.28 -4.82 13.73
C ALA B 40 -18.53 -4.18 13.18
N GLY B 41 -19.62 -4.92 13.19
CA GLY B 41 -20.89 -4.45 12.66
C GLY B 41 -21.17 -4.53 11.19
N SER B 42 -20.21 -5.07 10.43
CA SER B 42 -20.41 -5.25 8.99
CA SER B 42 -20.39 -5.24 9.01
C SER B 42 -21.49 -6.22 8.63
N ALA B 43 -22.17 -5.92 7.54
CA ALA B 43 -23.00 -6.88 6.86
C ALA B 43 -22.10 -7.97 6.23
N PRO B 44 -22.68 -9.09 5.81
CA PRO B 44 -21.88 -10.09 5.12
C PRO B 44 -21.27 -9.55 3.85
N ILE B 45 -20.07 -10.06 3.52
CA ILE B 45 -19.33 -9.63 2.36
C ILE B 45 -18.93 -10.84 1.50
N ASP B 46 -19.25 -10.76 0.23
CA ASP B 46 -18.89 -11.79 -0.75
C ASP B 46 -17.41 -11.55 -1.11
N LEU B 47 -16.55 -12.57 -0.94
CA LEU B 47 -15.11 -12.51 -1.28
C LEU B 47 -14.79 -12.94 -2.69
N LYS B 48 -15.79 -13.54 -3.39
CA LYS B 48 -15.47 -14.22 -4.62
C LYS B 48 -14.96 -13.29 -5.73
N ASN B 49 -15.31 -12.00 -5.77
CA ASN B 49 -14.72 -11.05 -6.76
C ASN B 49 -13.71 -10.09 -6.16
N ALA B 50 -13.26 -10.41 -4.96
CA ALA B 50 -12.38 -9.51 -4.22
C ALA B 50 -11.01 -9.54 -4.84
N LYS B 51 -10.34 -8.38 -4.91
CA LYS B 51 -9.07 -8.28 -5.53
C LYS B 51 -8.07 -7.88 -4.45
N LEU B 52 -6.93 -8.52 -4.51
CA LEU B 52 -5.81 -8.24 -3.68
C LEU B 52 -4.79 -7.47 -4.52
N PHE B 53 -4.48 -6.25 -4.08
CA PHE B 53 -3.49 -5.36 -4.74
C PHE B 53 -2.25 -5.34 -3.91
N LEU B 54 -1.10 -5.64 -4.48
CA LEU B 54 0.15 -5.60 -3.76
C LEU B 54 1.23 -4.86 -4.55
N ILE B 55 1.85 -3.85 -3.96
CA ILE B 55 2.98 -3.17 -4.57
C ILE B 55 4.29 -3.62 -3.89
N TYR B 56 5.29 -3.99 -4.74
CA TYR B 56 6.58 -4.42 -4.23
C TYR B 56 7.57 -4.22 -5.40
N ASP B 57 8.70 -3.57 -5.12
CA ASP B 57 9.83 -3.54 -6.01
C ASP B 57 9.46 -2.94 -7.35
N GLY B 58 8.70 -1.87 -7.33
CA GLY B 58 8.46 -1.11 -8.53
C GLY B 58 7.44 -1.73 -9.46
N GLU B 59 6.62 -2.66 -8.96
CA GLU B 59 5.50 -3.22 -9.69
C GLU B 59 4.26 -3.33 -8.82
N SER B 60 3.11 -3.20 -9.44
CA SER B 60 1.85 -3.36 -8.80
C SER B 60 1.27 -4.68 -9.34
N HIS B 61 0.71 -5.49 -8.45
CA HIS B 61 0.14 -6.79 -8.81
C HIS B 61 -1.27 -6.83 -8.37
N VAL B 62 -2.17 -7.47 -9.15
CA VAL B 62 -3.55 -7.67 -8.79
C VAL B 62 -3.79 -9.19 -8.80
N LEU B 63 -4.23 -9.71 -7.68
CA LEU B 63 -4.50 -11.14 -7.52
C LEU B 63 -5.96 -11.38 -7.30
N ASN B 64 -6.43 -12.46 -7.94
CA ASN B 64 -7.82 -12.84 -7.88
C ASN B 64 -8.10 -14.11 -7.09
N TYR B 65 -9.35 -14.33 -6.73
CA TYR B 65 -9.76 -15.44 -5.87
C TYR B 65 -9.61 -16.77 -6.64
N SER B 66 -8.79 -17.68 -6.14
CA SER B 66 -8.69 -19.00 -6.80
C SER B 66 -9.68 -19.97 -6.24
N THR B 67 -9.63 -20.22 -4.95
CA THR B 67 -10.56 -21.14 -4.27
C THR B 67 -10.51 -20.92 -2.73
N VAL B 68 -11.25 -21.71 -1.98
CA VAL B 68 -11.28 -21.68 -0.54
C VAL B 68 -11.02 -23.11 0.00
N THR B 69 -10.38 -23.20 1.15
CA THR B 69 -10.07 -24.51 1.79
C THR B 69 -10.28 -24.42 3.28
N THR B 70 -10.81 -25.52 3.86
CA THR B 70 -10.95 -25.60 5.29
C THR B 70 -9.79 -26.40 5.94
N ALA B 71 -8.83 -26.79 5.14
CA ALA B 71 -7.62 -27.47 5.65
C ALA B 71 -6.78 -26.66 6.63
N THR B 72 -6.85 -25.30 6.56
CA THR B 72 -6.19 -24.43 7.50
C THR B 72 -6.83 -24.36 8.86
N LEU B 73 -8.04 -24.91 8.99
CA LEU B 73 -8.81 -24.74 10.22
C LEU B 73 -8.15 -25.48 11.40
N GLY B 74 -7.81 -24.71 12.45
CA GLY B 74 -7.22 -25.23 13.71
C GLY B 74 -5.74 -25.59 13.59
N ALA B 75 -5.12 -25.24 12.46
CA ALA B 75 -3.77 -25.67 12.14
C ALA B 75 -2.70 -24.66 12.54
N ASP B 76 -1.61 -25.15 13.13
CA ASP B 76 -0.48 -24.31 13.49
CA ASP B 76 -0.49 -24.29 13.50
C ASP B 76 0.39 -23.95 12.29
N ASP B 77 0.59 -24.89 11.38
CA ASP B 77 1.43 -24.60 10.17
C ASP B 77 0.66 -24.36 8.87
N ILE B 78 0.30 -23.11 8.55
CA ILE B 78 -0.54 -22.99 7.34
C ILE B 78 0.32 -22.77 6.07
N PHE B 79 1.62 -22.94 6.17
CA PHE B 79 2.52 -22.86 4.99
C PHE B 79 2.85 -24.22 4.37
N ASN B 80 2.41 -25.29 4.97
CA ASN B 80 2.82 -26.64 4.49
C ASN B 80 1.96 -27.18 3.37
N SER B 81 2.58 -27.36 2.19
CA SER B 81 1.81 -27.75 0.99
C SER B 81 1.50 -29.26 0.99
N SER B 82 2.06 -30.04 1.91
CA SER B 82 1.52 -31.41 2.10
C SER B 82 0.19 -31.44 2.77
N ALA B 83 0.04 -30.68 3.83
CA ALA B 83 -1.17 -30.65 4.64
C ALA B 83 -2.24 -29.79 3.96
N ILE B 84 -1.77 -28.71 3.29
CA ILE B 84 -2.68 -27.77 2.59
C ILE B 84 -2.31 -27.77 1.11
N THR B 85 -2.80 -28.76 0.35
CA THR B 85 -2.38 -29.00 -0.99
C THR B 85 -2.87 -27.93 -1.96
N ASP B 86 -3.90 -27.18 -1.54
CA ASP B 86 -4.41 -26.07 -2.35
C ASP B 86 -3.41 -24.92 -2.46
N TRP B 87 -2.31 -24.93 -1.69
CA TRP B 87 -1.15 -24.06 -2.05
C TRP B 87 -0.72 -24.16 -3.49
N SER B 88 -0.96 -25.32 -4.12
CA SER B 88 -0.64 -25.47 -5.53
C SER B 88 -1.33 -24.46 -6.46
N LEU B 89 -2.49 -23.96 -6.03
CA LEU B 89 -3.27 -22.97 -6.78
C LEU B 89 -2.89 -21.49 -6.48
N ALA B 90 -1.99 -21.27 -5.54
CA ALA B 90 -1.50 -19.90 -5.30
C ALA B 90 -0.39 -19.65 -6.27
N ASP B 91 -0.72 -18.96 -7.35
CA ASP B 91 0.22 -18.77 -8.43
C ASP B 91 0.56 -17.27 -8.62
N SER B 92 1.09 -16.90 -9.77
CA SER B 92 1.51 -15.51 -9.96
C SER B 92 0.36 -14.50 -9.95
N SER B 93 -0.89 -14.93 -10.14
CA SER B 93 -1.97 -14.00 -10.20
C SER B 93 -3.18 -14.36 -9.36
N SER B 94 -3.00 -15.26 -8.37
CA SER B 94 -4.18 -15.75 -7.64
C SER B 94 -3.85 -15.97 -6.18
N TYR B 95 -4.82 -15.75 -5.29
CA TYR B 95 -4.70 -16.09 -3.86
C TYR B 95 -5.67 -17.23 -3.53
N VAL B 96 -5.35 -18.00 -2.50
CA VAL B 96 -6.27 -18.98 -1.96
C VAL B 96 -6.83 -18.55 -0.63
N VAL B 97 -8.09 -18.75 -0.38
CA VAL B 97 -8.61 -18.40 0.92
C VAL B 97 -8.61 -19.61 1.84
N GLY B 98 -8.02 -19.46 3.02
CA GLY B 98 -8.08 -20.51 4.09
C GLY B 98 -9.07 -20.08 5.12
N VAL B 99 -9.90 -21.04 5.56
CA VAL B 99 -10.76 -20.82 6.68
C VAL B 99 -10.00 -20.89 8.02
N ILE B 100 -10.11 -19.87 8.87
CA ILE B 100 -9.49 -19.86 10.20
C ILE B 100 -10.56 -19.99 11.28
N GLN B 101 -11.66 -19.29 11.11
CA GLN B 101 -12.76 -19.35 12.06
C GLN B 101 -14.05 -19.06 11.28
N ASP B 102 -15.06 -19.92 11.37
CA ASP B 102 -16.28 -19.70 10.62
C ASP B 102 -17.41 -20.57 11.22
N ALA B 103 -18.15 -20.01 12.18
CA ALA B 103 -19.20 -20.81 12.94
C ALA B 103 -20.28 -21.38 12.04
N ASP B 104 -20.75 -20.54 11.11
CA ASP B 104 -21.83 -20.93 10.23
C ASP B 104 -21.42 -21.55 8.89
N GLY B 105 -20.12 -21.69 8.56
CA GLY B 105 -19.75 -22.30 7.26
C GLY B 105 -19.76 -21.41 6.00
N SER B 106 -20.10 -20.12 6.18
CA SER B 106 -20.28 -19.18 5.08
C SER B 106 -19.05 -19.04 4.15
N LEU B 107 -17.83 -19.17 4.70
CA LEU B 107 -16.62 -19.05 3.89
C LEU B 107 -16.45 -20.13 2.83
N SER B 108 -17.10 -21.28 3.03
CA SER B 108 -17.10 -22.33 2.05
C SER B 108 -17.96 -21.99 0.84
N ASN B 109 -18.84 -20.99 0.94
CA ASN B 109 -19.41 -20.36 -0.22
C ASN B 109 -18.82 -19.00 -0.61
N GLY B 110 -17.64 -18.70 -0.04
CA GLY B 110 -16.95 -17.44 -0.40
C GLY B 110 -17.56 -16.20 0.26
N VAL B 111 -18.25 -16.37 1.38
CA VAL B 111 -18.92 -15.28 2.10
C VAL B 111 -18.36 -15.19 3.50
N ILE B 112 -17.87 -13.99 3.86
CA ILE B 112 -17.29 -13.73 5.21
C ILE B 112 -18.30 -12.91 6.02
N ASN B 113 -18.63 -13.40 7.21
CA ASN B 113 -19.60 -12.70 8.06
C ASN B 113 -19.17 -12.62 9.47
N LYS B 114 -20.00 -12.01 10.28
CA LYS B 114 -19.61 -11.66 11.62
C LYS B 114 -18.84 -12.78 12.36
N GLY B 115 -17.71 -12.40 12.92
CA GLY B 115 -16.86 -13.26 13.70
C GLY B 115 -15.83 -14.06 12.89
N ASP B 116 -15.97 -14.10 11.58
CA ASP B 116 -15.16 -14.99 10.75
C ASP B 116 -13.74 -14.52 10.68
N ILE B 117 -12.81 -15.45 10.52
CA ILE B 117 -11.43 -15.12 10.20
C ILE B 117 -11.07 -15.96 8.97
N ALA B 118 -10.52 -15.28 7.96
CA ALA B 118 -10.00 -15.96 6.80
C ALA B 118 -8.53 -15.62 6.66
N VAL B 119 -7.78 -16.46 5.94
CA VAL B 119 -6.39 -16.12 5.62
C VAL B 119 -6.23 -16.14 4.12
N LEU B 120 -5.51 -15.17 3.54
CA LEU B 120 -5.23 -15.15 2.10
C LEU B 120 -3.87 -15.75 1.99
N LEU B 121 -3.78 -16.85 1.28
CA LEU B 121 -2.53 -17.53 1.02
C LEU B 121 -1.98 -17.03 -0.34
N VAL B 122 -0.78 -16.46 -0.28
CA VAL B 122 -0.09 -15.86 -1.43
C VAL B 122 1.30 -16.46 -1.63
N ASN B 123 1.61 -16.97 -2.84
CA ASN B 123 2.93 -17.42 -3.12
C ASN B 123 3.69 -16.27 -3.64
N ALA B 124 4.41 -15.60 -2.74
CA ALA B 124 5.18 -14.41 -3.14
C ALA B 124 6.27 -14.70 -4.15
N ASN B 125 6.91 -15.88 -4.05
CA ASN B 125 7.91 -16.29 -5.00
C ASN B 125 7.32 -16.31 -6.43
N ALA B 126 6.07 -16.75 -6.55
CA ALA B 126 5.42 -16.81 -7.82
C ALA B 126 4.91 -15.44 -8.28
N VAL B 127 4.40 -14.63 -7.36
CA VAL B 127 3.90 -13.29 -7.73
C VAL B 127 5.02 -12.30 -8.11
N PHE B 128 6.08 -12.32 -7.34
CA PHE B 128 7.14 -11.36 -7.48
C PHE B 128 8.33 -11.89 -8.25
N ASN B 129 8.30 -13.19 -8.58
CA ASN B 129 9.34 -13.92 -9.28
C ASN B 129 10.64 -14.05 -8.51
N LYS B 130 10.57 -13.87 -7.20
CA LYS B 130 11.70 -14.11 -6.31
C LYS B 130 11.18 -14.03 -4.89
N ALA B 131 11.97 -14.53 -3.93
CA ALA B 131 11.56 -14.43 -2.54
C ALA B 131 11.82 -13.01 -2.08
N ILE B 132 11.06 -12.53 -1.10
CA ILE B 132 11.21 -11.15 -0.65
C ILE B 132 12.41 -11.03 0.30
N PRO B 133 13.40 -10.21 -0.09
CA PRO B 133 14.57 -10.12 0.77
C PRO B 133 14.35 -9.24 1.98
N THR B 134 15.32 -9.21 2.86
CA THR B 134 15.23 -8.41 4.07
C THR B 134 15.07 -6.90 3.73
N ARG B 135 14.39 -6.20 4.64
CA ARG B 135 14.22 -4.73 4.61
C ARG B 135 13.42 -4.28 3.40
N SER B 136 12.43 -5.08 2.98
CA SER B 136 11.66 -4.83 1.81
C SER B 136 10.28 -4.22 2.22
N GLU B 137 9.87 -3.18 1.48
CA GLU B 137 8.57 -2.55 1.71
C GLU B 137 7.50 -3.23 0.86
N VAL B 138 6.41 -3.63 1.51
CA VAL B 138 5.25 -4.18 0.85
C VAL B 138 3.99 -3.43 1.25
N SER B 139 3.20 -3.01 0.26
CA SER B 139 1.98 -2.19 0.48
C SER B 139 0.85 -2.81 -0.31
N GLY B 140 -0.36 -2.76 0.21
CA GLY B 140 -1.49 -3.35 -0.55
C GLY B 140 -2.84 -3.12 0.08
N GLN B 141 -3.90 -3.54 -0.62
CA GLN B 141 -5.25 -3.46 -0.10
C GLN B 141 -5.96 -4.72 -0.64
N PHE B 142 -6.87 -5.23 0.21
CA PHE B 142 -7.82 -6.31 -0.18
C PHE B 142 -9.20 -5.74 -0.26
N GLN B 143 -9.72 -5.67 -1.49
CA GLN B 143 -10.90 -4.92 -1.81
C GLN B 143 -12.01 -5.85 -2.40
N PRO B 144 -12.96 -6.15 -1.60
CA PRO B 144 -14.14 -6.82 -2.19
C PRO B 144 -14.93 -5.87 -3.06
N GLU B 145 -15.86 -6.43 -3.81
CA GLU B 145 -16.67 -5.59 -4.65
C GLU B 145 -17.38 -4.50 -3.88
N PHE B 146 -17.95 -4.88 -2.75
CA PHE B 146 -18.72 -4.01 -1.90
C PHE B 146 -18.04 -3.85 -0.55
N GLY B 147 -18.08 -2.64 -0.02
CA GLY B 147 -17.48 -2.29 1.24
C GLY B 147 -16.04 -1.80 1.20
N ALA B 148 -15.53 -1.48 2.39
CA ALA B 148 -14.21 -0.91 2.56
C ALA B 148 -13.13 -1.99 2.65
N PRO B 149 -11.91 -1.65 2.24
CA PRO B 149 -10.84 -2.64 2.13
C PRO B 149 -10.02 -2.85 3.36
N ALA B 150 -9.41 -4.03 3.45
CA ALA B 150 -8.33 -4.30 4.37
C ALA B 150 -7.06 -3.70 3.84
N VAL B 151 -6.15 -3.27 4.69
CA VAL B 151 -4.94 -2.57 4.31
C VAL B 151 -3.73 -3.38 4.80
N ILE B 152 -2.81 -3.62 3.89
CA ILE B 152 -1.55 -4.28 4.12
C ILE B 152 -0.41 -3.31 4.04
N GLN B 153 0.28 -3.15 5.11
CA GLN B 153 1.62 -2.44 5.07
CA GLN B 153 1.60 -2.47 5.04
C GLN B 153 2.69 -3.05 6.04
N PHE B 154 3.79 -3.43 5.46
CA PHE B 154 4.87 -3.93 6.30
C PHE B 154 6.19 -3.76 5.64
N THR B 155 7.22 -3.72 6.46
CA THR B 155 8.58 -3.75 5.99
C THR B 155 9.14 -5.05 6.53
N THR B 156 9.68 -5.92 5.64
CA THR B 156 10.21 -7.18 6.15
C THR B 156 11.43 -6.86 7.06
N PRO B 157 11.67 -7.71 8.04
CA PRO B 157 12.77 -7.39 8.99
C PRO B 157 14.12 -7.47 8.29
N ALA B 158 15.15 -6.89 8.93
CA ALA B 158 16.49 -6.88 8.39
C ALA B 158 17.24 -8.23 8.54
N ALA B 159 16.66 -9.13 9.32
CA ALA B 159 17.17 -10.53 9.43
C ALA B 159 16.02 -11.47 9.57
N TYR B 160 16.12 -12.58 8.81
CA TYR B 160 15.17 -13.64 8.95
C TYR B 160 15.77 -14.74 9.85
N THR B 161 15.19 -14.90 11.04
CA THR B 161 15.73 -15.75 12.12
C THR B 161 14.99 -17.04 12.38
N GLN B 162 13.78 -17.23 11.82
CA GLN B 162 13.03 -18.46 11.89
C GLN B 162 12.18 -18.61 10.68
N THR B 163 11.50 -19.73 10.58
CA THR B 163 10.76 -20.06 9.39
C THR B 163 9.42 -19.28 9.28
N VAL B 164 8.74 -18.98 10.40
CA VAL B 164 7.51 -18.24 10.36
C VAL B 164 7.73 -16.88 11.01
N ILE B 165 7.50 -15.80 10.23
CA ILE B 165 7.90 -14.47 10.62
C ILE B 165 6.63 -13.62 10.73
N GLU B 166 6.49 -12.90 11.84
CA GLU B 166 5.36 -12.00 11.98
C GLU B 166 5.73 -10.71 11.27
N LEU B 167 4.97 -10.36 10.22
CA LEU B 167 5.30 -9.19 9.40
C LEU B 167 4.48 -7.95 9.72
N GLN B 168 3.22 -8.13 10.04
CA GLN B 168 2.33 -7.08 10.37
C GLN B 168 1.59 -7.60 11.56
N HIS B 169 1.71 -6.85 12.64
CA HIS B 169 1.18 -7.30 13.93
C HIS B 169 -0.13 -6.63 14.14
N HIS B 170 -1.13 -7.42 14.43
CA HIS B 170 -2.37 -6.87 14.99
C HIS B 170 -2.75 -7.68 16.22
N HIS B 171 -3.75 -7.17 16.96
CA HIS B 171 -4.14 -7.84 18.18
C HIS B 171 -5.01 -9.07 17.93
N HIS B 172 -5.90 -9.04 16.93
CA HIS B 172 -7.03 -9.98 16.88
C HIS B 172 -6.43 -11.40 16.70
N HIS B 173 -6.94 -12.37 17.49
CA HIS B 173 -6.43 -13.76 17.47
C HIS B 173 -6.60 -14.33 16.05
N HIS B 174 -5.78 -15.31 15.68
CA HIS B 174 -5.89 -16.04 14.42
C HIS B 174 -6.42 -17.44 14.78
#